data_9GZ7
#
_entry.id   9GZ7
#
_cell.length_a   94.678
_cell.length_b   61.524
_cell.length_c   119.353
_cell.angle_alpha   90.000
_cell.angle_beta   101.160
_cell.angle_gamma   90.000
#
_symmetry.space_group_name_H-M   'C 1 2 1'
#
loop_
_entity.id
_entity.type
_entity.pdbx_description
1 polymer 'Peroxisome proliferator-activated receptor gamma'
2 non-polymer '4-[5-chloranyl-1-[2-chloranyl-6-(trifluoromethyl)phenyl]carbonyl-indazol-3-yl]-3-[(4-chlorophenyl)methoxy]benzoic acid'
3 water water
#
_entity_poly.entity_id   1
_entity_poly.type   'polypeptide(L)'
_entity_poly.pdbx_seq_one_letter_code
;GSHMESADLRALAKHLYDSYIKSFPLTKAKARAILTGKTTDKSPFVIYDMNSLMMGEDKIKFKHITPLQEQSKEVAIRIF
QGCQFRSVEAVQEITEYAKSIPGFVNLDLNDQVTLLKYGVHEIIYTMLASLMNKDGVLISEGQGFMTREFLKSLRKPFGD
FMEPKFEFAVKFNALELDDSDLAIFIAVIILSGDRPGLLNVKPIEDIQDNLLQALELQLKLNHPESSQLFAKLLQKMTDL
RQIVTEHVQLLQVIKKTETDMSLHPLLQEIYKDLY
;
_entity_poly.pdbx_strand_id   B,A
#
loop_
_chem_comp.id
_chem_comp.type
_chem_comp.name
_chem_comp.formula
A1IQ8 non-polymer '4-[5-chloranyl-1-[2-chloranyl-6-(trifluoromethyl)phenyl]carbonyl-indazol-3-yl]-3-[(4-chlorophenyl)methoxy]benzoic acid' 'C29 H16 Cl3 F3 N2 O4'
#
# COMPACT_ATOMS: atom_id res chain seq x y z
N MET A 4 -20.81 2.16 17.99
CA MET A 4 -21.38 1.24 16.99
C MET A 4 -21.58 -0.18 17.53
N GLU A 5 -22.85 -0.55 17.69
CA GLU A 5 -23.32 -1.88 18.06
C GLU A 5 -23.45 -2.74 16.81
N SER A 6 -23.52 -4.06 17.01
CA SER A 6 -23.62 -4.96 15.87
C SER A 6 -24.84 -4.61 15.01
N ALA A 7 -25.95 -4.23 15.66
CA ALA A 7 -27.17 -3.87 14.93
C ALA A 7 -26.93 -2.70 13.99
N ASP A 8 -26.23 -1.65 14.45
CA ASP A 8 -25.94 -0.53 13.56
C ASP A 8 -25.05 -0.97 12.40
N LEU A 9 -24.10 -1.85 12.68
CA LEU A 9 -23.16 -2.31 11.66
C LEU A 9 -23.85 -3.19 10.62
N ARG A 10 -24.78 -4.05 11.05
CA ARG A 10 -25.53 -4.85 10.08
C ARG A 10 -26.49 -3.97 9.29
N ALA A 11 -27.10 -2.99 9.94
CA ALA A 11 -27.97 -2.06 9.21
C ALA A 11 -27.19 -1.32 8.13
N LEU A 12 -25.99 -0.86 8.47
CA LEU A 12 -25.14 -0.19 7.49
C LEU A 12 -24.79 -1.13 6.33
N ALA A 13 -24.37 -2.36 6.64
CA ALA A 13 -24.06 -3.32 5.58
C ALA A 13 -25.25 -3.51 4.63
N LYS A 14 -26.46 -3.69 5.18
CA LYS A 14 -27.62 -3.94 4.33
C LYS A 14 -27.99 -2.69 3.53
N HIS A 15 -27.93 -1.52 4.16
CA HIS A 15 -28.21 -0.28 3.43
C HIS A 15 -27.31 -0.18 2.19
N LEU A 16 -26.01 -0.43 2.37
CA LEU A 16 -25.05 -0.30 1.28
C LEU A 16 -25.28 -1.36 0.22
N TYR A 17 -25.54 -2.60 0.64
CA TYR A 17 -25.87 -3.67 -0.29
C TYR A 17 -27.08 -3.31 -1.16
N ASP A 18 -28.17 -2.87 -0.53
CA ASP A 18 -29.37 -2.48 -1.28
C ASP A 18 -29.05 -1.42 -2.32
N SER A 19 -28.26 -0.41 -1.92
CA SER A 19 -27.91 0.66 -2.85
C SER A 19 -27.00 0.15 -3.96
N TYR A 20 -26.08 -0.76 -3.61
CA TYR A 20 -25.15 -1.33 -4.58
C TYR A 20 -25.91 -2.03 -5.71
N ILE A 21 -26.91 -2.84 -5.36
CA ILE A 21 -27.71 -3.55 -6.36
C ILE A 21 -28.39 -2.58 -7.30
N LYS A 22 -28.92 -1.48 -6.76
CA LYS A 22 -29.63 -0.51 -7.60
C LYS A 22 -28.71 0.34 -8.45
N SER A 23 -27.44 0.50 -8.05
CA SER A 23 -26.53 1.45 -8.68
C SER A 23 -25.78 0.89 -9.88
N PHE A 24 -25.60 -0.41 -9.95
CA PHE A 24 -24.70 -0.95 -10.95
C PHE A 24 -25.45 -1.91 -11.86
N PRO A 25 -25.14 -1.94 -13.16
CA PRO A 25 -25.99 -2.65 -14.12
C PRO A 25 -25.88 -4.18 -14.00
N LEU A 26 -24.71 -4.69 -13.65
CA LEU A 26 -24.50 -6.13 -13.63
C LEU A 26 -23.80 -6.49 -12.33
N THR A 27 -24.49 -7.20 -11.44
CA THR A 27 -23.87 -7.60 -10.17
C THR A 27 -22.81 -8.68 -10.39
N LYS A 28 -21.92 -8.84 -9.41
CA LYS A 28 -20.99 -9.97 -9.47
C LYS A 28 -21.72 -11.30 -9.52
N ALA A 29 -22.80 -11.44 -8.75
CA ALA A 29 -23.55 -12.70 -8.74
C ALA A 29 -24.08 -13.03 -10.13
N LYS A 30 -24.66 -12.04 -10.81
CA LYS A 30 -25.16 -12.31 -12.16
C LYS A 30 -24.01 -12.54 -13.14
N ALA A 31 -22.93 -11.76 -13.01
CA ALA A 31 -21.74 -11.94 -13.84
C ALA A 31 -21.17 -13.34 -13.71
N ARG A 32 -21.05 -13.84 -12.46
CA ARG A 32 -20.47 -15.16 -12.27
C ARG A 32 -21.30 -16.24 -12.93
N ALA A 33 -22.63 -16.15 -12.84
CA ALA A 33 -23.48 -17.14 -13.50
C ALA A 33 -23.27 -17.14 -15.00
N ILE A 34 -23.02 -15.98 -15.60
CA ILE A 34 -22.75 -15.93 -17.03
C ILE A 34 -21.39 -16.56 -17.34
N LEU A 35 -20.36 -16.22 -16.56
CA LEU A 35 -19.02 -16.72 -16.84
C LEU A 35 -18.91 -18.25 -16.66
N THR A 36 -19.70 -18.83 -15.76
CA THR A 36 -19.71 -20.25 -15.46
C THR A 36 -20.61 -21.04 -16.41
N GLY A 37 -21.55 -20.37 -17.08
CA GLY A 37 -22.49 -21.02 -17.95
C GLY A 37 -23.70 -21.56 -17.25
N LYS A 38 -24.06 -21.00 -16.10
CA LYS A 38 -25.20 -21.47 -15.33
C LYS A 38 -26.49 -20.82 -15.83
N LYS A 42 -29.01 -17.68 -22.50
CA LYS A 42 -28.48 -17.28 -23.80
C LYS A 42 -26.98 -17.02 -23.70
N SER A 43 -26.18 -17.74 -24.49
CA SER A 43 -24.74 -17.59 -24.38
C SER A 43 -24.34 -16.17 -24.80
N PRO A 44 -23.38 -15.54 -24.12
CA PRO A 44 -22.97 -14.20 -24.55
C PRO A 44 -22.31 -14.30 -25.92
N PHE A 45 -22.30 -13.20 -26.63
CA PHE A 45 -21.59 -13.17 -27.89
C PHE A 45 -20.09 -13.06 -27.62
N VAL A 46 -19.30 -13.91 -28.26
CA VAL A 46 -17.88 -14.03 -27.94
C VAL A 46 -17.06 -13.28 -28.98
N ILE A 47 -16.23 -12.35 -28.52
CA ILE A 47 -15.26 -11.65 -29.36
C ILE A 47 -13.89 -12.22 -29.03
N TYR A 48 -13.28 -12.89 -30.00
CA TYR A 48 -12.01 -13.58 -29.82
C TYR A 48 -10.99 -13.24 -30.90
N ASP A 49 -11.36 -12.43 -31.89
CA ASP A 49 -10.48 -12.03 -32.98
C ASP A 49 -11.15 -10.89 -33.74
N MET A 50 -10.47 -10.40 -34.79
CA MET A 50 -10.96 -9.23 -35.53
C MET A 50 -12.34 -9.50 -36.14
N ASN A 51 -12.51 -10.65 -36.78
CA ASN A 51 -13.77 -10.92 -37.46
C ASN A 51 -14.94 -10.99 -36.50
N SER A 52 -14.76 -11.62 -35.34
CA SER A 52 -15.86 -11.66 -34.39
C SER A 52 -16.07 -10.31 -33.73
N LEU A 53 -15.03 -9.47 -33.67
CA LEU A 53 -15.25 -8.11 -33.19
C LEU A 53 -16.16 -7.34 -34.15
N MET A 54 -15.91 -7.46 -35.45
CA MET A 54 -16.73 -6.76 -36.44
C MET A 54 -18.19 -7.19 -36.38
N MET A 55 -18.44 -8.50 -36.35
CA MET A 55 -19.83 -8.95 -36.24
C MET A 55 -20.45 -8.54 -34.90
N GLY A 56 -19.65 -8.46 -33.83
CA GLY A 56 -20.19 -8.17 -32.52
C GLY A 56 -20.64 -6.74 -32.33
N GLU A 57 -19.92 -5.78 -32.90
CA GLU A 57 -20.42 -4.39 -32.84
C GLU A 57 -21.64 -4.20 -33.72
N ASP A 58 -21.88 -5.10 -34.68
CA ASP A 58 -23.15 -5.09 -35.41
C ASP A 58 -24.26 -5.68 -34.54
N LYS A 59 -23.94 -6.71 -33.77
CA LYS A 59 -24.91 -7.42 -32.94
C LYS A 59 -25.31 -6.64 -31.69
N ILE A 60 -24.37 -6.01 -31.00
CA ILE A 60 -24.64 -5.38 -29.71
C ILE A 60 -24.68 -3.85 -29.74
N LYS A 61 -24.37 -3.20 -30.86
CA LYS A 61 -24.38 -1.74 -30.98
C LYS A 61 -23.59 -1.07 -29.83
N PHE A 62 -22.28 -1.30 -29.85
CA PHE A 62 -21.38 -0.70 -28.88
C PHE A 62 -21.34 0.79 -29.17
N LYS A 63 -21.86 1.62 -28.27
CA LYS A 63 -21.47 3.03 -28.30
C LYS A 63 -19.98 3.15 -28.00
N HIS A 64 -19.52 2.39 -27.01
CA HIS A 64 -18.12 2.03 -26.84
C HIS A 64 -17.61 1.25 -28.04
N LYS A 73 -10.43 3.70 -38.49
CA LYS A 73 -10.40 3.41 -37.06
C LYS A 73 -9.78 2.04 -36.81
N GLU A 74 -8.48 2.04 -36.48
CA GLU A 74 -7.77 0.80 -36.22
C GLU A 74 -8.35 0.08 -35.01
N VAL A 75 -8.25 -1.25 -35.03
CA VAL A 75 -9.01 -2.08 -34.09
C VAL A 75 -8.58 -1.85 -32.64
N ALA A 76 -7.26 -1.86 -32.38
CA ALA A 76 -6.80 -1.72 -31.00
C ALA A 76 -7.26 -0.40 -30.39
N ILE A 77 -7.24 0.67 -31.17
CA ILE A 77 -7.73 1.95 -30.70
C ILE A 77 -9.23 1.89 -30.42
N ARG A 78 -9.99 1.25 -31.31
CA ARG A 78 -11.43 1.10 -31.11
C ARG A 78 -11.76 0.44 -29.78
N ILE A 79 -11.05 -0.65 -29.43
CA ILE A 79 -11.29 -1.29 -28.14
C ILE A 79 -10.87 -0.36 -27.00
N PHE A 80 -9.71 0.28 -27.14
CA PHE A 80 -9.25 1.20 -26.10
C PHE A 80 -10.29 2.29 -25.84
N GLN A 81 -10.84 2.86 -26.92
CA GLN A 81 -11.87 3.90 -26.77
C GLN A 81 -13.16 3.32 -26.22
N GLY A 82 -13.41 2.03 -26.45
CA GLY A 82 -14.54 1.39 -25.81
C GLY A 82 -14.37 1.28 -24.32
N CYS A 83 -13.15 0.98 -23.87
CA CYS A 83 -12.85 0.97 -22.43
C CYS A 83 -13.10 2.36 -21.83
N GLN A 84 -12.70 3.42 -22.54
CA GLN A 84 -12.89 4.78 -22.02
C GLN A 84 -14.38 5.12 -21.87
N PHE A 85 -15.19 4.79 -22.89
CA PHE A 85 -16.63 5.06 -22.82
C PHE A 85 -17.26 4.35 -21.63
N ARG A 86 -16.90 3.08 -21.42
CA ARG A 86 -17.47 2.36 -20.28
C ARG A 86 -17.00 2.95 -18.96
N SER A 87 -15.72 3.34 -18.86
CA SER A 87 -15.21 3.89 -17.61
C SER A 87 -15.94 5.17 -17.23
N VAL A 88 -16.27 6.01 -18.21
CA VAL A 88 -17.01 7.23 -17.94
C VAL A 88 -18.40 6.92 -17.40
N GLU A 89 -19.05 5.88 -17.94
CA GLU A 89 -20.34 5.46 -17.39
C GLU A 89 -20.18 4.97 -15.96
N ALA A 90 -19.14 4.18 -15.70
CA ALA A 90 -18.91 3.69 -14.34
C ALA A 90 -18.69 4.85 -13.35
N VAL A 91 -17.96 5.89 -13.75
CA VAL A 91 -17.79 7.04 -12.86
C VAL A 91 -19.14 7.61 -12.42
N GLN A 92 -20.08 7.75 -13.36
CA GLN A 92 -21.38 8.27 -12.97
C GLN A 92 -22.12 7.28 -12.07
N GLU A 93 -21.96 5.97 -12.31
CA GLU A 93 -22.62 4.99 -11.47
C GLU A 93 -22.04 5.02 -10.06
N ILE A 94 -20.71 5.12 -9.94
CA ILE A 94 -20.05 5.19 -8.65
C ILE A 94 -20.43 6.48 -7.93
N THR A 95 -20.54 7.58 -8.67
CA THR A 95 -20.90 8.87 -8.07
C THR A 95 -22.29 8.81 -7.43
N GLU A 96 -23.25 8.19 -8.12
CA GLU A 96 -24.59 8.03 -7.57
C GLU A 96 -24.56 7.08 -6.36
N TYR A 97 -23.85 5.96 -6.46
CA TYR A 97 -23.68 5.09 -5.30
C TYR A 97 -23.10 5.84 -4.10
N ALA A 98 -22.08 6.67 -4.31
CA ALA A 98 -21.47 7.40 -3.20
C ALA A 98 -22.50 8.20 -2.40
N LYS A 99 -23.52 8.77 -3.05
CA LYS A 99 -24.52 9.57 -2.32
C LYS A 99 -25.33 8.73 -1.36
N SER A 100 -25.39 7.41 -1.55
CA SER A 100 -26.12 6.58 -0.61
C SER A 100 -25.29 6.21 0.61
N ILE A 101 -23.99 6.47 0.60
CA ILE A 101 -23.17 6.15 1.77
C ILE A 101 -23.54 7.12 2.89
N PRO A 102 -23.96 6.61 4.05
CA PRO A 102 -24.42 7.50 5.13
C PRO A 102 -23.33 8.50 5.51
N GLY A 103 -23.72 9.78 5.52
CA GLY A 103 -22.82 10.87 5.85
C GLY A 103 -22.16 11.54 4.67
N PHE A 104 -22.05 10.84 3.52
CA PHE A 104 -21.30 11.37 2.38
C PHE A 104 -21.88 12.69 1.87
N VAL A 105 -23.21 12.76 1.68
CA VAL A 105 -23.76 13.99 1.13
C VAL A 105 -23.67 15.16 2.12
N ASN A 106 -23.37 14.90 3.38
CA ASN A 106 -23.22 15.98 4.36
C ASN A 106 -21.81 16.54 4.44
N LEU A 107 -20.84 15.89 3.80
CA LEU A 107 -19.49 16.43 3.74
C LEU A 107 -19.45 17.69 2.88
N ASP A 108 -18.49 18.54 3.17
CA ASP A 108 -18.12 19.66 2.32
C ASP A 108 -18.14 19.27 0.85
N LEU A 109 -18.79 20.10 0.01
CA LEU A 109 -19.01 19.72 -1.38
C LEU A 109 -17.69 19.50 -2.13
N ASN A 110 -16.70 20.36 -1.85
CA ASN A 110 -15.39 20.20 -2.47
C ASN A 110 -14.78 18.86 -2.10
N ASP A 111 -15.00 18.42 -0.86
CA ASP A 111 -14.46 17.16 -0.40
C ASP A 111 -15.16 15.98 -1.04
N GLN A 112 -16.48 16.07 -1.26
CA GLN A 112 -17.16 15.03 -2.05
C GLN A 112 -16.52 14.89 -3.42
N VAL A 113 -16.25 16.02 -4.07
CA VAL A 113 -15.66 15.97 -5.41
C VAL A 113 -14.26 15.38 -5.36
N THR A 114 -13.45 15.82 -4.39
CA THR A 114 -12.08 15.28 -4.27
C THR A 114 -12.09 13.78 -4.00
N LEU A 115 -12.94 13.33 -3.09
CA LEU A 115 -13.00 11.90 -2.78
C LEU A 115 -13.34 11.08 -4.02
N LEU A 116 -14.32 11.54 -4.80
CA LEU A 116 -14.69 10.81 -6.02
C LEU A 116 -13.59 10.88 -7.07
N LYS A 117 -13.02 12.08 -7.29
CA LYS A 117 -11.94 12.26 -8.27
C LYS A 117 -10.81 11.27 -8.06
N TYR A 118 -10.37 11.10 -6.80
CA TYR A 118 -9.20 10.28 -6.51
C TYR A 118 -9.56 8.84 -6.22
N GLY A 119 -10.85 8.54 -6.04
CA GLY A 119 -11.30 7.19 -5.74
C GLY A 119 -11.81 6.38 -6.91
N VAL A 120 -12.34 7.04 -7.96
CA VAL A 120 -13.07 6.29 -8.99
C VAL A 120 -12.17 5.25 -9.66
N HIS A 121 -10.90 5.58 -9.90
CA HIS A 121 -10.02 4.64 -10.62
C HIS A 121 -9.84 3.34 -9.85
N GLU A 122 -9.62 3.44 -8.54
CA GLU A 122 -9.46 2.25 -7.70
C GLU A 122 -10.73 1.42 -7.69
N ILE A 123 -11.89 2.09 -7.66
CA ILE A 123 -13.16 1.38 -7.64
C ILE A 123 -13.44 0.73 -8.98
N ILE A 124 -13.12 1.42 -10.08
CA ILE A 124 -13.34 0.83 -11.41
C ILE A 124 -12.52 -0.44 -11.58
N TYR A 125 -11.23 -0.42 -11.20
CA TYR A 125 -10.43 -1.65 -11.22
C TYR A 125 -11.07 -2.73 -10.38
N THR A 126 -11.47 -2.38 -9.14
CA THR A 126 -12.05 -3.36 -8.24
C THR A 126 -13.28 -4.01 -8.85
N MET A 127 -14.22 -3.20 -9.35
CA MET A 127 -15.47 -3.78 -9.83
C MET A 127 -15.31 -4.44 -11.20
N LEU A 128 -14.32 -4.01 -11.99
CA LEU A 128 -14.02 -4.72 -13.23
C LEU A 128 -13.71 -6.19 -12.96
N ALA A 129 -13.05 -6.49 -11.84
CA ALA A 129 -12.74 -7.87 -11.48
C ALA A 129 -14.01 -8.70 -11.34
N SER A 130 -15.13 -8.09 -10.93
CA SER A 130 -16.37 -8.84 -10.86
C SER A 130 -16.79 -9.39 -12.22
N LEU A 131 -16.31 -8.79 -13.30
CA LEU A 131 -16.74 -9.12 -14.64
C LEU A 131 -15.74 -10.01 -15.37
N MET A 132 -14.61 -10.35 -14.75
CA MET A 132 -13.52 -11.06 -15.42
C MET A 132 -13.31 -12.42 -14.79
N ASN A 133 -12.88 -13.37 -15.59
CA ASN A 133 -12.16 -14.54 -15.10
C ASN A 133 -10.80 -14.57 -15.80
N LYS A 134 -10.06 -15.67 -15.62
CA LYS A 134 -8.75 -15.76 -16.26
C LYS A 134 -8.83 -15.81 -17.78
N ASP A 135 -10.02 -16.00 -18.36
CA ASP A 135 -10.12 -16.14 -19.81
C ASP A 135 -10.74 -14.96 -20.53
N GLY A 136 -11.39 -14.02 -19.84
CA GLY A 136 -11.96 -12.89 -20.54
C GLY A 136 -12.83 -12.03 -19.63
N VAL A 137 -13.58 -11.13 -20.26
CA VAL A 137 -14.28 -10.07 -19.53
C VAL A 137 -15.66 -9.89 -20.15
N LEU A 138 -16.67 -9.78 -19.28
CA LEU A 138 -18.02 -9.52 -19.73
C LEU A 138 -18.19 -8.07 -20.15
N ILE A 139 -18.92 -7.84 -21.24
CA ILE A 139 -19.16 -6.49 -21.72
C ILE A 139 -20.63 -6.35 -22.09
N SER A 140 -21.09 -5.09 -22.18
CA SER A 140 -22.45 -4.77 -22.59
C SER A 140 -23.46 -5.44 -21.66
N GLU A 141 -23.28 -5.23 -20.36
CA GLU A 141 -24.14 -5.82 -19.34
C GLU A 141 -24.23 -7.34 -19.47
N GLY A 142 -23.10 -7.98 -19.80
CA GLY A 142 -23.05 -9.42 -19.88
C GLY A 142 -23.53 -10.01 -21.18
N GLN A 143 -23.92 -9.20 -22.16
CA GLN A 143 -24.31 -9.73 -23.46
C GLN A 143 -23.12 -10.16 -24.29
N GLY A 144 -21.93 -9.69 -23.96
CA GLY A 144 -20.74 -10.04 -24.70
C GLY A 144 -19.68 -10.55 -23.78
N PHE A 145 -18.70 -11.26 -24.37
CA PHE A 145 -17.54 -11.76 -23.66
C PHE A 145 -16.33 -11.59 -24.57
N MET A 146 -15.37 -10.77 -24.16
CA MET A 146 -14.16 -10.53 -24.94
C MET A 146 -13.03 -11.33 -24.30
N THR A 147 -12.29 -12.10 -25.11
CA THR A 147 -11.31 -13.01 -24.53
C THR A 147 -10.04 -12.27 -24.14
N ARG A 148 -9.39 -12.78 -23.11
CA ARG A 148 -8.13 -12.21 -22.66
C ARG A 148 -7.06 -12.27 -23.74
N GLU A 149 -6.94 -13.42 -24.39
CA GLU A 149 -5.92 -13.60 -25.42
C GLU A 149 -6.08 -12.57 -26.53
N PHE A 150 -7.33 -12.25 -26.90
CA PHE A 150 -7.56 -11.22 -27.90
C PHE A 150 -7.08 -9.85 -27.39
N LEU A 151 -7.45 -9.49 -26.17
CA LEU A 151 -7.05 -8.20 -25.63
C LEU A 151 -5.52 -8.13 -25.45
N LYS A 152 -4.91 -9.18 -24.89
CA LYS A 152 -3.46 -9.20 -24.71
C LYS A 152 -2.71 -9.10 -26.02
N SER A 153 -3.31 -9.58 -27.12
CA SER A 153 -2.57 -9.65 -28.38
C SER A 153 -2.62 -8.35 -29.17
N LEU A 154 -3.39 -7.36 -28.71
CA LEU A 154 -3.43 -6.08 -29.41
C LEU A 154 -2.03 -5.49 -29.54
N ARG A 155 -1.78 -4.80 -30.66
CA ARG A 155 -0.45 -4.32 -30.98
C ARG A 155 -0.02 -3.20 -30.03
N LYS A 156 1.21 -2.73 -30.25
CA LYS A 156 1.73 -1.45 -29.78
C LYS A 156 1.79 -1.48 -28.24
N PRO A 157 1.40 -0.46 -27.47
CA PRO A 157 1.29 -0.70 -26.04
C PRO A 157 -0.09 -1.16 -25.60
N PHE A 158 -1.04 -1.34 -26.52
CA PHE A 158 -2.41 -1.59 -26.09
C PHE A 158 -2.53 -2.97 -25.47
N GLY A 159 -1.86 -3.97 -26.04
CA GLY A 159 -1.88 -5.30 -25.46
C GLY A 159 -1.38 -5.30 -24.02
N ASP A 160 -0.24 -4.67 -23.79
CA ASP A 160 0.29 -4.58 -22.43
C ASP A 160 -0.49 -3.60 -21.56
N PHE A 161 -1.33 -2.76 -22.15
CA PHE A 161 -2.26 -1.96 -21.37
C PHE A 161 -3.42 -2.79 -20.84
N MET A 162 -3.85 -3.82 -21.58
CA MET A 162 -5.03 -4.58 -21.18
C MET A 162 -4.69 -5.63 -20.13
N GLU A 163 -3.58 -6.34 -20.31
CA GLU A 163 -3.28 -7.50 -19.48
C GLU A 163 -3.13 -7.21 -17.98
N PRO A 164 -2.57 -6.08 -17.53
CA PRO A 164 -2.52 -5.88 -16.07
C PRO A 164 -3.89 -5.89 -15.40
N LYS A 165 -4.96 -5.49 -16.11
CA LYS A 165 -6.29 -5.55 -15.50
C LYS A 165 -6.68 -6.97 -15.17
N PHE A 166 -6.39 -7.93 -16.08
CA PHE A 166 -6.63 -9.33 -15.80
C PHE A 166 -5.73 -9.85 -14.69
N GLU A 167 -4.47 -9.41 -14.67
CA GLU A 167 -3.55 -9.90 -13.66
C GLU A 167 -4.04 -9.55 -12.26
N PHE A 168 -4.53 -8.32 -12.08
CA PHE A 168 -5.11 -7.94 -10.79
C PHE A 168 -6.39 -8.74 -10.49
N ALA A 169 -7.30 -8.85 -11.47
CA ALA A 169 -8.59 -9.46 -11.21
C ALA A 169 -8.46 -10.91 -10.75
N VAL A 170 -7.57 -11.68 -11.39
CA VAL A 170 -7.38 -13.08 -10.99
C VAL A 170 -6.96 -13.17 -9.54
N LYS A 171 -6.04 -12.30 -9.10
CA LYS A 171 -5.66 -12.29 -7.69
C LYS A 171 -6.79 -11.78 -6.79
N PHE A 172 -7.44 -10.69 -7.19
CA PHE A 172 -8.50 -10.16 -6.34
C PHE A 172 -9.65 -11.15 -6.22
N ASN A 173 -10.00 -11.82 -7.32
CA ASN A 173 -11.09 -12.79 -7.32
C ASN A 173 -10.79 -14.03 -6.50
N ALA A 174 -9.51 -14.32 -6.22
CA ALA A 174 -9.19 -15.45 -5.34
C ALA A 174 -9.71 -15.24 -3.91
N LEU A 175 -9.99 -14.00 -3.50
CA LEU A 175 -10.61 -13.74 -2.21
C LEU A 175 -12.09 -14.13 -2.17
N GLU A 176 -12.73 -14.36 -3.32
CA GLU A 176 -14.12 -14.85 -3.38
C GLU A 176 -15.08 -13.92 -2.64
N LEU A 177 -14.91 -12.61 -2.85
CA LEU A 177 -15.88 -11.67 -2.30
C LEU A 177 -17.19 -11.79 -3.06
N ASP A 178 -18.29 -11.56 -2.35
CA ASP A 178 -19.59 -11.41 -2.96
C ASP A 178 -20.04 -9.95 -2.93
N ASP A 179 -21.20 -9.66 -3.55
CA ASP A 179 -21.65 -8.28 -3.71
C ASP A 179 -21.88 -7.61 -2.36
N SER A 180 -22.36 -8.36 -1.36
CA SER A 180 -22.56 -7.75 -0.05
C SER A 180 -21.24 -7.32 0.59
N ASP A 181 -20.15 -8.08 0.36
CA ASP A 181 -18.83 -7.64 0.82
C ASP A 181 -18.38 -6.41 0.04
N LEU A 182 -18.53 -6.46 -1.29
CA LEU A 182 -17.95 -5.44 -2.15
C LEU A 182 -18.61 -4.09 -1.92
N ALA A 183 -19.91 -4.10 -1.59
CA ALA A 183 -20.62 -2.84 -1.36
C ALA A 183 -19.94 -2.04 -0.26
N ILE A 184 -19.53 -2.70 0.82
CA ILE A 184 -18.86 -2.01 1.91
C ILE A 184 -17.43 -1.65 1.51
N PHE A 185 -16.73 -2.58 0.87
CA PHE A 185 -15.35 -2.34 0.44
C PHE A 185 -15.24 -1.11 -0.44
N ILE A 186 -16.15 -0.97 -1.41
CA ILE A 186 -16.09 0.20 -2.30
C ILE A 186 -16.32 1.48 -1.51
N ALA A 187 -17.24 1.45 -0.54
CA ALA A 187 -17.48 2.63 0.30
C ALA A 187 -16.25 2.99 1.11
N VAL A 188 -15.56 1.98 1.65
CA VAL A 188 -14.32 2.22 2.38
C VAL A 188 -13.32 2.97 1.50
N ILE A 189 -13.18 2.53 0.24
CA ILE A 189 -12.24 3.20 -0.67
C ILE A 189 -12.61 4.67 -0.86
N ILE A 190 -13.91 4.93 -1.05
CA ILE A 190 -14.35 6.30 -1.32
C ILE A 190 -13.98 7.20 -0.15
N LEU A 191 -14.23 6.74 1.08
CA LEU A 191 -14.05 7.58 2.25
C LEU A 191 -12.60 7.54 2.73
N SER A 192 -11.65 7.79 1.84
CA SER A 192 -10.24 7.78 2.19
C SER A 192 -9.80 9.18 2.61
N GLY A 193 -9.38 9.33 3.86
CA GLY A 193 -8.97 10.64 4.38
C GLY A 193 -7.64 11.16 3.85
N ASP A 194 -6.88 10.37 3.09
CA ASP A 194 -5.58 10.85 2.67
C ASP A 194 -5.58 11.40 1.24
N ARG A 195 -6.74 11.62 0.66
CA ARG A 195 -6.76 12.20 -0.69
C ARG A 195 -6.15 13.59 -0.65
N PRO A 196 -5.34 13.96 -1.64
CA PRO A 196 -4.77 15.31 -1.67
C PRO A 196 -5.86 16.38 -1.72
N GLY A 197 -5.68 17.39 -0.89
CA GLY A 197 -6.48 18.60 -0.95
C GLY A 197 -7.78 18.57 -0.18
N LEU A 198 -8.01 17.55 0.65
CA LEU A 198 -9.22 17.53 1.47
C LEU A 198 -9.20 18.69 2.47
N LEU A 199 -10.37 19.30 2.66
CA LEU A 199 -10.49 20.44 3.56
C LEU A 199 -10.79 20.00 5.00
N ASN A 200 -11.66 18.98 5.18
CA ASN A 200 -12.11 18.55 6.51
C ASN A 200 -11.99 17.03 6.64
N VAL A 201 -10.80 16.56 7.04
CA VAL A 201 -10.53 15.12 7.04
C VAL A 201 -11.31 14.42 8.15
N LYS A 202 -11.62 15.11 9.25
CA LYS A 202 -12.20 14.45 10.40
C LYS A 202 -13.48 13.66 10.11
N PRO A 203 -14.53 14.26 9.50
CA PRO A 203 -15.74 13.45 9.27
C PRO A 203 -15.56 12.35 8.22
N ILE A 204 -14.59 12.49 7.32
CA ILE A 204 -14.31 11.43 6.35
C ILE A 204 -13.77 10.19 7.05
N GLU A 205 -12.78 10.39 7.92
CA GLU A 205 -12.21 9.27 8.67
C GLU A 205 -13.21 8.70 9.67
N ASP A 206 -14.06 9.54 10.27
CA ASP A 206 -15.10 9.02 11.15
C ASP A 206 -16.05 8.09 10.39
N ILE A 207 -16.45 8.47 9.18
CA ILE A 207 -17.30 7.59 8.40
C ILE A 207 -16.54 6.34 7.97
N GLN A 208 -15.29 6.50 7.51
CA GLN A 208 -14.53 5.32 7.13
C GLN A 208 -14.36 4.36 8.30
N ASP A 209 -14.18 4.89 9.52
CA ASP A 209 -14.12 4.04 10.70
C ASP A 209 -15.39 3.21 10.86
N ASN A 210 -16.57 3.83 10.62
CA ASN A 210 -17.81 3.04 10.68
C ASN A 210 -17.86 2.01 9.56
N LEU A 211 -17.41 2.36 8.36
CA LEU A 211 -17.44 1.40 7.26
C LEU A 211 -16.47 0.25 7.51
N LEU A 212 -15.28 0.56 8.02
CA LEU A 212 -14.32 -0.49 8.36
C LEU A 212 -14.86 -1.44 9.42
N GLN A 213 -15.49 -0.90 10.48
CA GLN A 213 -16.15 -1.77 11.44
C GLN A 213 -17.20 -2.65 10.79
N ALA A 214 -18.01 -2.09 9.88
CA ALA A 214 -19.06 -2.88 9.25
C ALA A 214 -18.48 -3.94 8.34
N LEU A 215 -17.41 -3.60 7.62
CA LEU A 215 -16.74 -4.56 6.73
C LEU A 215 -16.12 -5.69 7.53
N GLU A 216 -15.42 -5.36 8.61
CA GLU A 216 -14.86 -6.39 9.48
C GLU A 216 -15.94 -7.38 9.93
N LEU A 217 -17.06 -6.88 10.46
CA LEU A 217 -18.14 -7.78 10.88
C LEU A 217 -18.74 -8.56 9.71
N GLN A 218 -18.93 -7.89 8.56
CA GLN A 218 -19.50 -8.57 7.39
C GLN A 218 -18.65 -9.76 6.97
N LEU A 219 -17.32 -9.60 6.96
CA LEU A 219 -16.43 -10.64 6.48
C LEU A 219 -16.35 -11.80 7.48
N LYS A 220 -16.44 -11.49 8.78
CA LYS A 220 -16.47 -12.53 9.80
C LYS A 220 -17.75 -13.35 9.74
N LEU A 221 -18.88 -12.71 9.44
CA LEU A 221 -20.16 -13.41 9.37
C LEU A 221 -20.34 -14.11 8.03
N ASN A 222 -19.91 -13.48 6.95
CA ASN A 222 -20.13 -14.01 5.61
C ASN A 222 -19.05 -15.01 5.21
N HIS A 223 -17.86 -14.91 5.80
CA HIS A 223 -16.72 -15.78 5.50
C HIS A 223 -16.09 -16.28 6.79
N PRO A 224 -16.84 -17.04 7.60
CA PRO A 224 -16.31 -17.45 8.92
C PRO A 224 -15.06 -18.31 8.85
N GLU A 225 -14.81 -18.99 7.73
CA GLU A 225 -13.67 -19.89 7.60
C GLU A 225 -12.48 -19.26 6.89
N SER A 226 -12.61 -18.01 6.45
CA SER A 226 -11.55 -17.32 5.71
C SER A 226 -10.77 -16.47 6.70
N SER A 227 -9.67 -17.03 7.22
CA SER A 227 -8.91 -16.36 8.27
C SER A 227 -8.28 -15.06 7.77
N GLN A 228 -8.42 -13.99 8.56
CA GLN A 228 -7.81 -12.71 8.27
C GLN A 228 -8.18 -12.19 6.88
N LEU A 229 -9.38 -12.52 6.41
CA LEU A 229 -9.83 -11.96 5.14
C LEU A 229 -9.90 -10.43 5.21
N PHE A 230 -10.31 -9.88 6.36
CA PHE A 230 -10.32 -8.42 6.53
C PHE A 230 -8.94 -7.83 6.24
N ALA A 231 -7.91 -8.34 6.90
CA ALA A 231 -6.55 -7.85 6.65
C ALA A 231 -6.10 -8.06 5.21
N LYS A 232 -6.36 -9.25 4.64
CA LYS A 232 -6.00 -9.49 3.24
C LYS A 232 -6.70 -8.53 2.29
N LEU A 233 -7.92 -8.14 2.60
CA LEU A 233 -8.63 -7.21 1.73
C LEU A 233 -8.06 -5.79 1.86
N LEU A 234 -7.72 -5.37 3.08
CA LEU A 234 -7.04 -4.08 3.24
C LEU A 234 -5.68 -4.07 2.53
N GLN A 235 -4.95 -5.21 2.56
CA GLN A 235 -3.72 -5.30 1.78
C GLN A 235 -3.99 -5.06 0.29
N LYS A 236 -5.17 -5.47 -0.20
CA LYS A 236 -5.52 -5.26 -1.61
C LYS A 236 -5.84 -3.80 -1.91
N MET A 237 -6.66 -3.14 -1.05
CA MET A 237 -7.03 -1.74 -1.26
C MET A 237 -5.78 -0.88 -1.30
N THR A 238 -4.76 -1.37 -0.60
CA THR A 238 -3.43 -0.80 -0.63
C THR A 238 -2.81 -0.95 -2.02
N ASP A 239 -2.67 -2.18 -2.48
CA ASP A 239 -2.09 -2.45 -3.79
C ASP A 239 -2.71 -1.55 -4.86
N LEU A 240 -4.05 -1.43 -4.82
CA LEU A 240 -4.78 -0.63 -5.80
C LEU A 240 -4.17 0.74 -6.01
N ARG A 241 -3.60 1.32 -4.95
CA ARG A 241 -2.91 2.60 -5.10
C ARG A 241 -1.80 2.52 -6.14
N GLN A 242 -1.00 1.45 -6.09
CA GLN A 242 0.13 1.35 -7.02
C GLN A 242 -0.32 0.95 -8.41
N ILE A 243 -1.31 0.06 -8.51
CA ILE A 243 -1.87 -0.30 -9.81
C ILE A 243 -2.42 0.92 -10.54
N VAL A 244 -3.18 1.76 -9.84
CA VAL A 244 -3.74 2.92 -10.50
C VAL A 244 -2.65 3.89 -10.94
N THR A 245 -1.59 4.03 -10.16
CA THR A 245 -0.49 4.90 -10.57
C THR A 245 0.25 4.34 -11.79
N GLU A 246 0.47 3.03 -11.85
CA GLU A 246 0.99 2.42 -13.08
C GLU A 246 0.07 2.71 -14.26
N HIS A 247 -1.25 2.67 -14.02
CA HIS A 247 -2.23 2.84 -15.08
C HIS A 247 -2.19 4.25 -15.68
N VAL A 248 -2.23 5.29 -14.83
CA VAL A 248 -2.22 6.66 -15.35
C VAL A 248 -0.92 6.96 -16.09
N GLN A 249 0.18 6.32 -15.69
CA GLN A 249 1.45 6.46 -16.41
C GLN A 249 1.35 5.85 -17.80
N LEU A 250 0.78 4.65 -17.91
CA LEU A 250 0.62 4.03 -19.22
C LEU A 250 -0.26 4.88 -20.12
N LEU A 251 -1.28 5.53 -19.55
CA LEU A 251 -2.12 6.44 -20.32
C LEU A 251 -1.29 7.61 -20.87
N GLN A 252 -0.40 8.16 -20.06
CA GLN A 252 0.42 9.29 -20.51
C GLN A 252 1.36 8.88 -21.64
N VAL A 253 1.81 7.62 -21.64
CA VAL A 253 2.64 7.11 -22.73
C VAL A 253 1.83 7.01 -24.01
N ILE A 254 0.60 6.48 -23.92
CA ILE A 254 -0.26 6.38 -25.09
C ILE A 254 -0.58 7.76 -25.64
N LYS A 255 -0.87 8.72 -24.76
CA LYS A 255 -1.34 10.03 -25.18
C LYS A 255 -0.33 10.73 -26.08
N LYS A 256 0.95 10.65 -25.75
CA LYS A 256 1.99 11.25 -26.58
C LYS A 256 2.23 10.47 -27.87
N THR A 257 1.94 9.17 -27.89
CA THR A 257 2.27 8.30 -29.01
C THR A 257 1.14 8.11 -30.02
N GLU A 258 -0.12 8.06 -29.60
CA GLU A 258 -1.21 7.65 -30.47
C GLU A 258 -2.13 8.79 -30.90
N THR A 259 -2.49 9.68 -29.99
CA THR A 259 -3.48 10.75 -30.23
C THR A 259 -4.81 10.18 -30.74
N LEU A 263 -8.88 12.99 -32.27
CA LEU A 263 -10.08 13.10 -31.43
C LEU A 263 -10.63 14.54 -31.41
N HIS A 264 -11.96 14.63 -31.52
CA HIS A 264 -12.66 15.90 -31.45
C HIS A 264 -12.39 16.59 -30.10
N PRO A 265 -12.13 17.91 -30.08
CA PRO A 265 -11.85 18.58 -28.79
C PRO A 265 -12.94 18.35 -27.74
N LEU A 266 -14.21 18.32 -28.13
CA LEU A 266 -15.29 17.98 -27.20
C LEU A 266 -15.08 16.59 -26.63
N LEU A 267 -14.71 15.63 -27.48
CA LEU A 267 -14.44 14.28 -26.97
C LEU A 267 -13.28 14.27 -25.99
N GLN A 268 -12.20 14.99 -26.29
CA GLN A 268 -11.12 15.14 -25.33
C GLN A 268 -11.63 15.68 -23.99
N GLU A 269 -12.58 16.62 -24.02
CA GLU A 269 -13.12 17.15 -22.76
C GLU A 269 -13.89 16.09 -21.98
N ILE A 270 -14.69 15.27 -22.67
CA ILE A 270 -15.48 14.26 -21.97
C ILE A 270 -14.54 13.26 -21.26
N TYR A 271 -13.46 12.89 -21.94
CA TYR A 271 -12.49 11.91 -21.45
C TYR A 271 -11.33 12.52 -20.66
N LYS A 272 -11.36 13.82 -20.38
CA LYS A 272 -10.20 14.47 -19.77
C LYS A 272 -9.80 13.89 -18.40
N HIS B 3 -6.44 -20.38 12.79
CA HIS B 3 -7.00 -19.83 14.02
C HIS B 3 -6.22 -20.33 15.18
N MET B 4 -5.64 -19.42 15.97
CA MET B 4 -5.10 -19.91 17.23
C MET B 4 -5.78 -19.16 18.38
N GLU B 5 -5.62 -19.73 19.58
CA GLU B 5 -6.30 -19.22 20.75
C GLU B 5 -5.59 -18.00 21.32
N SER B 6 -6.34 -17.27 22.11
CA SER B 6 -5.93 -16.00 22.68
C SER B 6 -4.61 -16.13 23.45
N ALA B 7 -4.48 -17.19 24.23
CA ALA B 7 -3.28 -17.47 25.01
C ALA B 7 -2.06 -17.65 24.12
N ASP B 8 -2.21 -18.41 23.02
CA ASP B 8 -1.10 -18.60 22.09
C ASP B 8 -0.73 -17.27 21.42
N LEU B 9 -1.73 -16.47 21.11
CA LEU B 9 -1.49 -15.18 20.46
C LEU B 9 -0.78 -14.21 21.40
N ARG B 10 -1.11 -14.23 22.69
CA ARG B 10 -0.41 -13.39 23.66
C ARG B 10 1.02 -13.87 23.85
N ALA B 11 1.22 -15.20 23.86
CA ALA B 11 2.55 -15.77 24.01
C ALA B 11 3.44 -15.39 22.83
N LEU B 12 2.89 -15.43 21.61
CA LEU B 12 3.64 -15.02 20.42
C LEU B 12 4.01 -13.53 20.51
N ALA B 13 3.07 -12.67 20.91
CA ALA B 13 3.37 -11.25 21.07
C ALA B 13 4.52 -11.03 22.03
N LYS B 14 4.52 -11.74 23.16
CA LYS B 14 5.59 -11.58 24.15
C LYS B 14 6.92 -12.10 23.64
N HIS B 15 6.92 -13.26 22.96
CA HIS B 15 8.15 -13.77 22.35
C HIS B 15 8.77 -12.75 21.40
N LEU B 16 7.96 -12.17 20.53
CA LEU B 16 8.48 -11.26 19.51
C LEU B 16 9.02 -9.99 20.15
N TYR B 17 8.29 -9.46 21.13
CA TYR B 17 8.76 -8.27 21.84
C TYR B 17 10.10 -8.53 22.52
N ASP B 18 10.23 -9.68 23.18
CA ASP B 18 11.49 -10.09 23.79
C ASP B 18 12.63 -10.11 22.76
N SER B 19 12.38 -10.73 21.60
CA SER B 19 13.41 -10.85 20.58
C SER B 19 13.76 -9.49 19.99
N TYR B 20 12.76 -8.64 19.83
CA TYR B 20 12.97 -7.29 19.34
C TYR B 20 13.88 -6.51 20.28
N ILE B 21 13.62 -6.59 21.59
CA ILE B 21 14.47 -5.91 22.56
C ILE B 21 15.90 -6.43 22.44
N LYS B 22 16.04 -7.74 22.23
CA LYS B 22 17.38 -8.33 22.14
C LYS B 22 18.05 -8.00 20.81
N SER B 23 17.27 -7.76 19.75
CA SER B 23 17.84 -7.58 18.41
C SER B 23 18.17 -6.14 18.06
N PHE B 24 17.46 -5.17 18.64
CA PHE B 24 17.62 -3.82 18.18
C PHE B 24 18.19 -2.99 19.31
N PRO B 25 19.23 -2.19 19.05
CA PRO B 25 19.97 -1.53 20.14
C PRO B 25 19.23 -0.38 20.77
N LEU B 26 18.39 0.34 20.02
CA LEU B 26 17.77 1.56 20.52
C LEU B 26 16.27 1.45 20.32
N THR B 27 15.55 1.20 21.41
CA THR B 27 14.10 1.03 21.36
C THR B 27 13.41 2.37 21.16
N LYS B 28 12.16 2.32 20.70
CA LYS B 28 11.36 3.53 20.67
C LYS B 28 11.22 4.13 22.06
N ALA B 29 11.07 3.29 23.10
CA ALA B 29 10.95 3.81 24.46
C ALA B 29 12.19 4.61 24.84
N LYS B 30 13.38 4.10 24.50
CA LYS B 30 14.59 4.85 24.85
C LYS B 30 14.71 6.12 24.00
N ALA B 31 14.39 6.02 22.71
CA ALA B 31 14.44 7.18 21.82
C ALA B 31 13.53 8.28 22.34
N ARG B 32 12.29 7.95 22.73
CA ARG B 32 11.37 8.97 23.23
C ARG B 32 11.87 9.59 24.54
N ALA B 33 12.47 8.78 25.42
CA ALA B 33 13.02 9.33 26.66
C ALA B 33 14.11 10.36 26.37
N ILE B 34 14.94 10.09 25.35
CA ILE B 34 15.98 11.04 24.93
C ILE B 34 15.36 12.27 24.27
N LEU B 35 14.40 12.05 23.36
CA LEU B 35 13.81 13.19 22.65
C LEU B 35 13.04 14.11 23.60
N THR B 36 12.49 13.56 24.69
CA THR B 36 11.68 14.37 25.59
C THR B 36 12.55 15.16 26.56
N GLY B 37 13.70 14.62 26.94
CA GLY B 37 14.60 15.34 27.81
C GLY B 37 14.11 15.32 29.23
N LYS B 38 14.11 16.50 29.86
CA LYS B 38 13.74 16.65 31.26
C LYS B 38 14.80 16.04 32.18
N THR B 39 15.82 15.42 31.59
CA THR B 39 16.90 14.74 32.30
C THR B 39 18.22 15.42 31.98
N THR B 40 19.27 15.07 32.76
CA THR B 40 20.61 15.54 32.46
C THR B 40 21.49 14.47 31.80
N ASP B 41 21.38 13.20 32.19
CA ASP B 41 22.32 12.18 31.73
C ASP B 41 22.12 11.73 30.28
N LYS B 42 20.95 11.99 29.71
CA LYS B 42 20.58 11.42 28.42
C LYS B 42 20.60 12.44 27.29
N SER B 43 20.99 13.68 27.57
CA SER B 43 20.84 14.73 26.56
C SER B 43 21.77 14.51 25.37
N PRO B 44 21.25 14.57 24.15
CA PRO B 44 22.10 14.41 22.97
C PRO B 44 22.78 15.71 22.59
N PHE B 45 23.90 15.57 21.88
CA PHE B 45 24.51 16.73 21.24
C PHE B 45 23.80 16.97 19.91
N VAL B 46 23.43 18.22 19.66
CA VAL B 46 22.59 18.59 18.53
C VAL B 46 23.45 19.16 17.41
N ILE B 47 23.36 18.55 16.23
CA ILE B 47 24.02 18.98 15.00
C ILE B 47 22.99 19.64 14.11
N TYR B 48 23.16 20.93 13.86
CA TYR B 48 22.23 21.70 13.07
C TYR B 48 22.93 22.54 12.00
N ASP B 49 24.25 22.49 11.90
CA ASP B 49 25.03 23.26 10.93
C ASP B 49 26.44 22.67 10.84
N MET B 50 27.27 23.28 9.99
CA MET B 50 28.61 22.76 9.76
C MET B 50 29.45 22.77 11.04
N ASN B 51 29.42 23.89 11.79
CA ASN B 51 30.24 23.98 13.00
C ASN B 51 29.85 22.91 14.02
N SER B 52 28.54 22.69 14.22
CA SER B 52 28.16 21.71 15.23
C SER B 52 28.44 20.30 14.75
N LEU B 53 28.41 20.07 13.44
CA LEU B 53 28.81 18.77 12.93
C LEU B 53 30.28 18.50 13.25
N MET B 54 31.13 19.52 13.05
CA MET B 54 32.55 19.42 13.37
C MET B 54 32.77 19.18 14.86
N MET B 55 32.08 19.96 15.71
CA MET B 55 32.17 19.76 17.15
C MET B 55 31.63 18.39 17.57
N GLY B 56 30.63 17.89 16.85
CA GLY B 56 30.00 16.64 17.27
C GLY B 56 30.88 15.43 17.00
N GLU B 57 31.64 15.45 15.90
CA GLU B 57 32.59 14.37 15.64
C GLU B 57 33.74 14.38 16.65
N ASP B 58 34.00 15.53 17.27
CA ASP B 58 34.95 15.58 18.36
C ASP B 58 34.31 15.09 19.67
N LYS B 59 33.06 15.48 19.93
CA LYS B 59 32.44 15.13 21.21
C LYS B 59 31.99 13.67 21.26
N ILE B 60 31.32 13.18 20.22
CA ILE B 60 30.72 11.86 20.33
C ILE B 60 31.77 10.80 20.07
N LYS B 63 31.01 6.28 18.84
CA LYS B 63 30.16 5.91 17.71
C LYS B 63 30.15 7.04 16.71
N HIS B 64 31.12 7.02 15.79
CA HIS B 64 31.32 8.10 14.82
C HIS B 64 30.01 8.51 14.16
N ILE B 65 29.73 9.81 14.19
CA ILE B 65 28.62 10.39 13.43
C ILE B 65 28.66 9.97 11.97
N THR B 66 29.76 10.27 11.28
CA THR B 66 30.01 9.87 9.91
C THR B 66 31.26 9.00 9.87
N PRO B 67 31.31 8.01 8.97
CA PRO B 67 32.49 7.12 8.93
C PRO B 67 33.78 7.89 8.69
N LEU B 68 34.80 7.58 9.50
CA LEU B 68 36.10 8.24 9.40
C LEU B 68 36.72 8.05 8.01
N GLN B 69 36.31 7.01 7.30
CA GLN B 69 36.80 6.72 5.96
C GLN B 69 36.41 7.79 4.95
N GLU B 70 35.36 8.57 5.25
CA GLU B 70 34.86 9.60 4.35
C GLU B 70 35.21 11.01 4.81
N GLN B 71 36.20 11.15 5.72
CA GLN B 71 36.47 12.46 6.34
C GLN B 71 36.93 13.49 5.33
N SER B 72 37.63 13.06 4.26
CA SER B 72 38.09 13.99 3.23
C SER B 72 36.95 14.48 2.34
N LYS B 73 35.75 13.91 2.45
CA LYS B 73 34.72 14.10 1.45
C LYS B 73 33.78 15.26 1.80
N GLU B 74 33.06 15.69 0.78
CA GLU B 74 32.06 16.74 0.89
C GLU B 74 30.96 16.34 1.88
N VAL B 75 30.38 17.34 2.57
CA VAL B 75 29.56 17.03 3.75
C VAL B 75 28.34 16.19 3.37
N ALA B 76 27.68 16.52 2.26
CA ALA B 76 26.49 15.75 1.87
C ALA B 76 26.81 14.26 1.71
N ILE B 77 27.97 13.95 1.13
CA ILE B 77 28.40 12.56 0.99
C ILE B 77 28.68 11.95 2.35
N ARG B 78 29.37 12.70 3.22
CA ARG B 78 29.70 12.21 4.57
C ARG B 78 28.44 11.80 5.31
N ILE B 79 27.43 12.68 5.29
CA ILE B 79 26.16 12.39 5.96
C ILE B 79 25.47 11.21 5.31
N PHE B 80 25.46 11.16 3.97
CA PHE B 80 24.89 10.01 3.29
C PHE B 80 25.56 8.71 3.72
N GLN B 81 26.89 8.70 3.81
CA GLN B 81 27.55 7.46 4.21
C GLN B 81 27.25 7.14 5.67
N GLY B 82 26.94 8.15 6.50
CA GLY B 82 26.47 7.86 7.84
C GLY B 82 25.11 7.17 7.84
N CYS B 83 24.20 7.64 6.98
CA CYS B 83 22.92 6.94 6.81
C CYS B 83 23.10 5.51 6.30
N GLN B 84 23.92 5.33 5.26
CA GLN B 84 24.06 3.99 4.69
C GLN B 84 24.72 3.04 5.67
N PHE B 85 25.72 3.50 6.42
CA PHE B 85 26.37 2.66 7.42
C PHE B 85 25.36 2.17 8.46
N ARG B 86 24.50 3.05 8.93
CA ARG B 86 23.50 2.64 9.89
C ARG B 86 22.45 1.73 9.26
N SER B 87 22.06 1.99 8.01
CA SER B 87 21.11 1.12 7.32
C SER B 87 21.66 -0.28 7.17
N VAL B 88 22.97 -0.41 6.89
CA VAL B 88 23.56 -1.74 6.78
C VAL B 88 23.49 -2.47 8.11
N GLU B 89 23.79 -1.74 9.20
CA GLU B 89 23.64 -2.31 10.53
C GLU B 89 22.20 -2.69 10.80
N ALA B 90 21.25 -1.88 10.32
CA ALA B 90 19.84 -2.23 10.50
C ALA B 90 19.48 -3.51 9.74
N VAL B 91 19.98 -3.66 8.50
CA VAL B 91 19.75 -4.91 7.78
C VAL B 91 20.23 -6.10 8.60
N GLN B 92 21.42 -5.97 9.19
CA GLN B 92 21.96 -7.04 10.03
C GLN B 92 21.08 -7.29 11.24
N GLU B 93 20.58 -6.23 11.88
CA GLU B 93 19.74 -6.43 13.06
C GLU B 93 18.40 -7.06 12.66
N ILE B 94 17.81 -6.61 11.54
CA ILE B 94 16.53 -7.16 11.09
C ILE B 94 16.69 -8.62 10.72
N THR B 95 17.81 -8.96 10.08
CA THR B 95 18.03 -10.37 9.72
C THR B 95 18.07 -11.23 10.97
N GLU B 96 18.75 -10.75 12.01
CA GLU B 96 18.80 -11.45 13.28
C GLU B 96 17.40 -11.57 13.89
N TYR B 97 16.64 -10.47 13.89
CA TYR B 97 15.25 -10.53 14.36
C TYR B 97 14.43 -11.54 13.57
N ALA B 98 14.52 -11.51 12.23
CA ALA B 98 13.71 -12.41 11.41
C ALA B 98 13.90 -13.87 11.81
N LYS B 99 15.12 -14.24 12.17
CA LYS B 99 15.37 -15.65 12.50
C LYS B 99 14.61 -16.08 13.74
N SER B 100 14.21 -15.14 14.59
CA SER B 100 13.47 -15.46 15.81
C SER B 100 11.98 -15.62 15.55
N ILE B 101 11.49 -15.20 14.40
CA ILE B 101 10.07 -15.33 14.11
C ILE B 101 9.76 -16.81 13.91
N PRO B 102 8.87 -17.40 14.70
CA PRO B 102 8.61 -18.85 14.58
C PRO B 102 8.21 -19.18 13.16
N GLY B 103 8.88 -20.20 12.60
CA GLY B 103 8.64 -20.66 11.25
C GLY B 103 9.57 -20.08 10.19
N PHE B 104 10.18 -18.91 10.43
CA PHE B 104 10.96 -18.26 9.39
C PHE B 104 12.13 -19.12 8.93
N VAL B 105 12.96 -19.61 9.86
CA VAL B 105 14.15 -20.35 9.45
C VAL B 105 13.80 -21.71 8.88
N ASN B 106 12.55 -22.15 9.02
CA ASN B 106 12.16 -23.44 8.45
C ASN B 106 11.69 -23.36 7.01
N LEU B 107 11.50 -22.14 6.50
CA LEU B 107 11.15 -21.88 5.12
C LEU B 107 12.28 -22.24 4.17
N ASP B 108 11.90 -22.53 2.93
CA ASP B 108 12.87 -22.62 1.83
C ASP B 108 13.89 -21.51 1.91
N LEU B 109 15.17 -21.86 1.80
CA LEU B 109 16.22 -20.86 2.01
C LEU B 109 16.13 -19.73 1.00
N ASN B 110 15.75 -20.04 -0.25
CA ASN B 110 15.58 -18.99 -1.26
C ASN B 110 14.49 -18.00 -0.84
N ASP B 111 13.42 -18.50 -0.21
CA ASP B 111 12.34 -17.60 0.21
C ASP B 111 12.76 -16.73 1.39
N GLN B 112 13.52 -17.29 2.35
CA GLN B 112 14.09 -16.46 3.41
C GLN B 112 14.85 -15.28 2.84
N VAL B 113 15.70 -15.52 1.83
CA VAL B 113 16.49 -14.45 1.25
C VAL B 113 15.57 -13.43 0.58
N THR B 114 14.58 -13.92 -0.17
CA THR B 114 13.63 -13.06 -0.87
C THR B 114 12.81 -12.21 0.10
N LEU B 115 12.31 -12.82 1.17
CA LEU B 115 11.55 -12.07 2.18
C LEU B 115 12.40 -10.96 2.78
N LEU B 116 13.65 -11.26 3.14
CA LEU B 116 14.52 -10.22 3.69
C LEU B 116 14.84 -9.17 2.64
N LYS B 117 15.17 -9.59 1.41
CA LYS B 117 15.48 -8.66 0.34
C LYS B 117 14.39 -7.61 0.17
N TYR B 118 13.12 -8.04 0.15
CA TYR B 118 12.03 -7.10 -0.07
C TYR B 118 11.49 -6.50 1.22
N GLY B 119 11.84 -7.04 2.37
CA GLY B 119 11.26 -6.55 3.60
C GLY B 119 12.08 -5.49 4.30
N VAL B 120 13.42 -5.53 4.16
CA VAL B 120 14.23 -4.71 5.05
C VAL B 120 13.95 -3.22 4.86
N HIS B 121 13.81 -2.73 3.62
CA HIS B 121 13.62 -1.28 3.47
C HIS B 121 12.37 -0.80 4.17
N GLU B 122 11.28 -1.56 4.05
CA GLU B 122 10.02 -1.16 4.68
C GLU B 122 10.18 -1.14 6.19
N ILE B 123 10.96 -2.07 6.72
CA ILE B 123 11.20 -2.13 8.15
C ILE B 123 12.10 -0.97 8.58
N ILE B 124 13.11 -0.67 7.77
CA ILE B 124 14.03 0.41 8.13
C ILE B 124 13.27 1.72 8.24
N TYR B 125 12.42 2.03 7.27
CA TYR B 125 11.58 3.23 7.36
C TYR B 125 10.71 3.21 8.61
N THR B 126 10.05 2.08 8.86
CA THR B 126 9.19 1.97 10.04
C THR B 126 9.96 2.28 11.31
N MET B 127 11.13 1.65 11.47
CA MET B 127 11.88 1.76 12.71
C MET B 127 12.63 3.08 12.78
N LEU B 128 13.00 3.66 11.64
CA LEU B 128 13.59 5.01 11.65
C LEU B 128 12.64 6.03 12.28
N ALA B 129 11.34 5.87 12.07
CA ALA B 129 10.35 6.78 12.63
C ALA B 129 10.41 6.80 14.16
N SER B 130 10.81 5.68 14.76
CA SER B 130 10.96 5.64 16.22
C SER B 130 12.02 6.62 16.69
N LEU B 131 12.96 6.99 15.81
CA LEU B 131 14.10 7.82 16.17
C LEU B 131 13.90 9.28 15.81
N MET B 132 12.75 9.62 15.22
CA MET B 132 12.49 10.92 14.65
C MET B 132 11.39 11.63 15.44
N ASN B 133 11.47 12.94 15.50
CA ASN B 133 10.29 13.75 15.69
C ASN B 133 10.25 14.73 14.51
N LYS B 134 9.33 15.71 14.57
CA LYS B 134 9.20 16.64 13.46
C LYS B 134 10.43 17.53 13.30
N ASP B 135 11.35 17.57 14.27
CA ASP B 135 12.52 18.45 14.17
C ASP B 135 13.85 17.75 13.86
N GLY B 136 13.93 16.42 13.96
CA GLY B 136 15.18 15.77 13.61
C GLY B 136 15.20 14.30 13.99
N VAL B 137 16.42 13.74 13.96
CA VAL B 137 16.61 12.29 14.06
C VAL B 137 17.76 12.00 15.03
N LEU B 138 17.54 11.00 15.89
CA LEU B 138 18.61 10.52 16.78
C LEU B 138 19.64 9.74 15.98
N ILE B 139 20.91 9.93 16.34
CA ILE B 139 22.02 9.29 15.64
C ILE B 139 23.02 8.83 16.69
N SER B 140 23.96 7.98 16.27
CA SER B 140 25.04 7.56 17.14
C SER B 140 24.49 6.93 18.42
N GLU B 141 23.53 6.00 18.24
CA GLU B 141 22.83 5.33 19.33
C GLU B 141 22.21 6.34 20.31
N GLY B 142 21.68 7.44 19.78
CA GLY B 142 21.04 8.43 20.63
C GLY B 142 21.98 9.40 21.29
N GLN B 143 23.28 9.34 21.02
CA GLN B 143 24.21 10.34 21.56
C GLN B 143 24.10 11.67 20.83
N GLY B 144 23.58 11.65 19.60
CA GLY B 144 23.46 12.86 18.82
C GLY B 144 22.03 12.99 18.30
N PHE B 145 21.73 14.20 17.85
CA PHE B 145 20.45 14.52 17.23
C PHE B 145 20.76 15.46 16.08
N MET B 146 20.43 15.05 14.86
CA MET B 146 20.70 15.87 13.70
C MET B 146 19.37 16.49 13.25
N THR B 147 19.37 17.79 12.98
CA THR B 147 18.10 18.44 12.73
C THR B 147 17.60 18.18 11.30
N ARG B 148 16.27 18.15 11.18
CA ARG B 148 15.61 17.97 9.90
C ARG B 148 16.00 19.06 8.93
N GLU B 149 16.03 20.30 9.43
CA GLU B 149 16.42 21.46 8.63
C GLU B 149 17.81 21.30 8.05
N PHE B 150 18.77 20.82 8.85
CA PHE B 150 20.14 20.64 8.36
C PHE B 150 20.17 19.59 7.24
N LEU B 151 19.51 18.47 7.47
CA LEU B 151 19.46 17.40 6.47
C LEU B 151 18.79 17.87 5.19
N LYS B 152 17.67 18.58 5.32
CA LYS B 152 16.93 19.10 4.17
C LYS B 152 17.71 20.11 3.36
N SER B 153 18.66 20.83 3.97
CA SER B 153 19.41 21.86 3.27
C SER B 153 20.63 21.31 2.54
N LEU B 154 20.92 20.02 2.68
CA LEU B 154 22.03 19.42 1.94
C LEU B 154 21.85 19.66 0.44
N ARG B 155 22.97 19.83 -0.26
CA ARG B 155 22.98 20.23 -1.66
C ARG B 155 22.44 19.13 -2.57
N LYS B 156 22.41 19.47 -3.88
CA LYS B 156 22.33 18.55 -5.00
C LYS B 156 21.04 17.76 -4.95
N PRO B 157 21.10 16.44 -5.06
CA PRO B 157 19.92 15.61 -4.78
C PRO B 157 19.82 15.13 -3.34
N PHE B 158 20.76 15.47 -2.46
CA PHE B 158 20.77 14.83 -1.14
C PHE B 158 19.71 15.38 -0.19
N GLY B 159 19.45 16.69 -0.20
CA GLY B 159 18.45 17.26 0.69
C GLY B 159 17.07 16.64 0.52
N ASP B 160 16.59 16.55 -0.71
CA ASP B 160 15.29 15.95 -1.00
C ASP B 160 15.30 14.44 -0.90
N PHE B 161 16.48 13.83 -0.85
CA PHE B 161 16.57 12.42 -0.50
C PHE B 161 16.28 12.21 0.97
N MET B 162 16.61 13.18 1.82
CA MET B 162 16.47 12.99 3.26
C MET B 162 15.06 13.26 3.75
N GLU B 163 14.41 14.30 3.20
CA GLU B 163 13.14 14.77 3.74
C GLU B 163 11.99 13.77 3.72
N PRO B 164 11.81 12.92 2.69
CA PRO B 164 10.67 11.98 2.74
C PRO B 164 10.70 11.06 3.94
N LYS B 165 11.87 10.74 4.48
CA LYS B 165 11.94 9.91 5.68
C LYS B 165 11.23 10.59 6.83
N PHE B 166 11.43 11.91 6.98
CA PHE B 166 10.72 12.64 8.02
C PHE B 166 9.23 12.74 7.71
N GLU B 167 8.88 12.94 6.44
CA GLU B 167 7.46 13.10 6.09
C GLU B 167 6.67 11.85 6.46
N PHE B 168 7.22 10.66 6.16
CA PHE B 168 6.58 9.42 6.58
C PHE B 168 6.55 9.31 8.11
N ALA B 169 7.66 9.63 8.78
CA ALA B 169 7.75 9.38 10.22
C ALA B 169 6.71 10.18 11.01
N VAL B 170 6.49 11.46 10.65
CA VAL B 170 5.50 12.25 11.38
C VAL B 170 4.11 11.61 11.28
N LYS B 171 3.74 11.11 10.09
CA LYS B 171 2.44 10.44 9.98
C LYS B 171 2.42 9.10 10.69
N PHE B 172 3.46 8.29 10.53
CA PHE B 172 3.47 7.00 11.21
C PHE B 172 3.43 7.16 12.73
N ASN B 173 4.18 8.16 13.26
CA ASN B 173 4.26 8.38 14.70
C ASN B 173 2.95 8.85 15.31
N ALA B 174 2.05 9.43 14.52
CA ALA B 174 0.75 9.82 15.03
C ALA B 174 -0.08 8.61 15.47
N LEU B 175 0.26 7.39 15.01
CA LEU B 175 -0.43 6.19 15.50
C LEU B 175 -0.05 5.84 16.94
N GLU B 176 1.04 6.43 17.46
CA GLU B 176 1.45 6.23 18.86
C GLU B 176 1.70 4.76 19.21
N LEU B 177 2.30 4.01 18.27
CA LEU B 177 2.66 2.62 18.53
C LEU B 177 3.82 2.56 19.53
N ASP B 178 3.85 1.50 20.34
CA ASP B 178 5.00 1.30 21.21
C ASP B 178 5.80 0.10 20.71
N ASP B 179 6.90 -0.20 21.39
CA ASP B 179 7.79 -1.24 20.90
C ASP B 179 7.10 -2.60 20.83
N SER B 180 6.25 -2.90 21.80
CA SER B 180 5.54 -4.18 21.78
C SER B 180 4.61 -4.30 20.58
N ASP B 181 3.99 -3.18 20.14
CA ASP B 181 3.21 -3.21 18.90
C ASP B 181 4.12 -3.38 17.69
N LEU B 182 5.23 -2.62 17.66
CA LEU B 182 6.07 -2.60 16.47
C LEU B 182 6.72 -3.96 16.23
N ALA B 183 7.05 -4.66 17.31
CA ALA B 183 7.70 -5.96 17.17
C ALA B 183 6.85 -6.90 16.31
N ILE B 184 5.52 -6.91 16.51
CA ILE B 184 4.64 -7.77 15.71
C ILE B 184 4.46 -7.19 14.32
N PHE B 185 4.31 -5.87 14.23
CA PHE B 185 4.12 -5.22 12.93
C PHE B 185 5.27 -5.53 11.98
N ILE B 186 6.50 -5.47 12.48
CA ILE B 186 7.67 -5.71 11.67
C ILE B 186 7.70 -7.17 11.19
N ALA B 187 7.29 -8.09 12.06
CA ALA B 187 7.22 -9.50 11.68
C ALA B 187 6.18 -9.72 10.57
N VAL B 188 5.04 -9.03 10.65
CA VAL B 188 4.01 -9.11 9.61
C VAL B 188 4.60 -8.69 8.27
N ILE B 189 5.36 -7.59 8.25
CA ILE B 189 5.96 -7.10 7.02
C ILE B 189 6.88 -8.16 6.42
N ILE B 190 7.73 -8.77 7.24
CA ILE B 190 8.69 -9.73 6.71
C ILE B 190 7.98 -10.90 6.04
N LEU B 191 6.95 -11.41 6.69
CA LEU B 191 6.26 -12.61 6.20
C LEU B 191 5.18 -12.26 5.18
N SER B 192 5.56 -11.52 4.15
CA SER B 192 4.63 -11.09 3.11
C SER B 192 4.69 -12.10 1.97
N GLY B 193 3.58 -12.81 1.73
CA GLY B 193 3.53 -13.80 0.67
C GLY B 193 3.49 -13.24 -0.73
N ASP B 194 3.38 -11.92 -0.91
CA ASP B 194 3.28 -11.36 -2.25
C ASP B 194 4.60 -10.82 -2.80
N ARG B 195 5.74 -11.11 -2.15
CA ARG B 195 7.02 -10.67 -2.66
C ARG B 195 7.32 -11.34 -3.99
N PRO B 196 7.88 -10.62 -4.96
CA PRO B 196 8.18 -11.24 -6.26
C PRO B 196 9.15 -12.41 -6.12
N GLY B 197 8.80 -13.52 -6.75
CA GLY B 197 9.70 -14.65 -6.88
C GLY B 197 9.66 -15.68 -5.77
N LEU B 198 8.72 -15.59 -4.84
CA LEU B 198 8.62 -16.59 -3.78
C LEU B 198 8.25 -17.94 -4.38
N LEU B 199 8.90 -19.00 -3.89
CA LEU B 199 8.68 -20.35 -4.38
C LEU B 199 7.48 -21.00 -3.70
N ASN B 200 7.30 -20.75 -2.40
CA ASN B 200 6.32 -21.44 -1.55
C ASN B 200 5.49 -20.38 -0.84
N VAL B 201 4.44 -19.87 -1.51
CA VAL B 201 3.70 -18.76 -0.91
C VAL B 201 2.89 -19.23 0.28
N LYS B 202 2.35 -20.45 0.22
CA LYS B 202 1.41 -20.90 1.25
C LYS B 202 1.97 -20.92 2.67
N PRO B 203 3.12 -21.54 2.95
CA PRO B 203 3.59 -21.54 4.36
C PRO B 203 3.96 -20.16 4.87
N ILE B 204 4.30 -19.20 4.00
CA ILE B 204 4.54 -17.83 4.45
C ILE B 204 3.22 -17.18 4.87
N GLU B 205 2.17 -17.36 4.06
CA GLU B 205 0.86 -16.80 4.40
C GLU B 205 0.33 -17.40 5.70
N ASP B 206 0.54 -18.69 5.91
CA ASP B 206 0.18 -19.33 7.17
C ASP B 206 0.85 -18.65 8.37
N ILE B 207 2.14 -18.34 8.26
CA ILE B 207 2.80 -17.66 9.37
C ILE B 207 2.26 -16.24 9.53
N GLN B 208 2.10 -15.52 8.41
CA GLN B 208 1.60 -14.15 8.50
C GLN B 208 0.19 -14.12 9.10
N ASP B 209 -0.64 -15.12 8.79
CA ASP B 209 -1.98 -15.17 9.39
C ASP B 209 -1.90 -15.22 10.91
N ASN B 210 -0.98 -16.00 11.47
CA ASN B 210 -0.86 -16.03 12.92
C ASN B 210 -0.32 -14.70 13.44
N LEU B 211 0.59 -14.09 12.68
CA LEU B 211 1.17 -12.82 13.09
C LEU B 211 0.13 -11.71 13.02
N LEU B 212 -0.69 -11.71 11.98
CA LEU B 212 -1.77 -10.74 11.88
C LEU B 212 -2.77 -10.93 13.01
N GLN B 213 -3.15 -12.19 13.32
CA GLN B 213 -4.03 -12.42 14.46
C GLN B 213 -3.43 -11.86 15.74
N ALA B 214 -2.12 -12.06 15.93
CA ALA B 214 -1.48 -11.58 17.15
C ALA B 214 -1.43 -10.05 17.19
N LEU B 215 -1.17 -9.43 16.04
CA LEU B 215 -1.13 -7.97 15.98
C LEU B 215 -2.49 -7.39 16.28
N GLU B 216 -3.53 -7.97 15.67
CA GLU B 216 -4.90 -7.53 15.93
C GLU B 216 -5.22 -7.56 17.41
N LEU B 217 -4.93 -8.69 18.07
CA LEU B 217 -5.21 -8.76 19.50
C LEU B 217 -4.33 -7.79 20.29
N GLN B 218 -3.05 -7.67 19.93
CA GLN B 218 -2.15 -6.76 20.65
C GLN B 218 -2.67 -5.33 20.62
N LEU B 219 -3.14 -4.87 19.47
CA LEU B 219 -3.59 -3.47 19.33
C LEU B 219 -4.91 -3.24 20.05
N LYS B 220 -5.78 -4.25 20.08
CA LYS B 220 -7.03 -4.10 20.82
C LYS B 220 -6.79 -4.02 22.32
N LEU B 221 -5.78 -4.73 22.83
CA LEU B 221 -5.49 -4.74 24.26
C LEU B 221 -4.64 -3.55 24.68
N ASN B 222 -3.67 -3.17 23.85
CA ASN B 222 -2.74 -2.10 24.22
C ASN B 222 -3.32 -0.73 23.92
N HIS B 223 -4.23 -0.63 22.95
CA HIS B 223 -4.82 0.64 22.53
C HIS B 223 -6.33 0.49 22.45
N PRO B 224 -6.98 0.16 23.57
CA PRO B 224 -8.41 -0.19 23.51
C PRO B 224 -9.27 0.95 23.03
N GLU B 225 -8.78 2.18 23.12
CA GLU B 225 -9.54 3.38 22.76
C GLU B 225 -9.21 3.89 21.36
N SER B 226 -8.30 3.23 20.63
CA SER B 226 -7.92 3.68 19.30
C SER B 226 -8.71 2.86 18.28
N SER B 227 -9.81 3.44 17.79
CA SER B 227 -10.71 2.69 16.92
C SER B 227 -10.02 2.33 15.61
N GLN B 228 -10.16 1.05 15.21
CA GLN B 228 -9.65 0.55 13.92
C GLN B 228 -8.16 0.85 13.71
N LEU B 229 -7.39 0.83 14.80
CA LEU B 229 -5.95 1.02 14.66
C LEU B 229 -5.32 -0.09 13.81
N PHE B 230 -5.82 -1.31 13.95
CA PHE B 230 -5.33 -2.41 13.10
C PHE B 230 -5.45 -2.04 11.63
N ALA B 231 -6.66 -1.63 11.20
CA ALA B 231 -6.84 -1.22 9.81
C ALA B 231 -5.95 -0.04 9.44
N LYS B 232 -5.86 0.97 10.32
CA LYS B 232 -4.99 2.10 10.03
C LYS B 232 -3.54 1.66 9.87
N LEU B 233 -3.10 0.69 10.67
CA LEU B 233 -1.72 0.24 10.56
C LEU B 233 -1.49 -0.57 9.27
N LEU B 234 -2.45 -1.41 8.87
CA LEU B 234 -2.34 -2.07 7.57
C LEU B 234 -2.36 -1.06 6.42
N GLN B 235 -3.16 0.00 6.54
CA GLN B 235 -3.09 1.08 5.56
C GLN B 235 -1.69 1.71 5.50
N LYS B 236 -0.95 1.72 6.62
CA LYS B 236 0.41 2.25 6.60
C LYS B 236 1.38 1.31 5.89
N MET B 237 1.29 -0.01 6.19
CA MET B 237 2.14 -1.03 5.58
C MET B 237 2.03 -0.99 4.08
N THR B 238 0.90 -0.48 3.61
CA THR B 238 0.64 -0.22 2.20
C THR B 238 1.49 0.91 1.65
N ASP B 239 1.30 2.10 2.22
CA ASP B 239 2.03 3.29 1.80
C ASP B 239 3.53 3.00 1.70
N LEU B 240 4.09 2.29 2.68
CA LEU B 240 5.51 1.98 2.69
C LEU B 240 5.96 1.39 1.36
N ARG B 241 5.07 0.64 0.70
CA ARG B 241 5.39 0.03 -0.59
C ARG B 241 5.76 1.08 -1.63
N GLN B 242 4.99 2.17 -1.69
CA GLN B 242 5.29 3.24 -2.66
C GLN B 242 6.41 4.14 -2.15
N ILE B 243 6.45 4.40 -0.84
CA ILE B 243 7.56 5.17 -0.25
C ILE B 243 8.90 4.51 -0.58
N VAL B 244 8.98 3.19 -0.39
CA VAL B 244 10.22 2.49 -0.70
C VAL B 244 10.54 2.55 -2.19
N THR B 245 9.51 2.49 -3.03
CA THR B 245 9.74 2.57 -4.48
C THR B 245 10.33 3.93 -4.86
N GLU B 246 9.82 5.00 -4.28
CA GLU B 246 10.44 6.31 -4.49
C GLU B 246 11.88 6.33 -4.01
N HIS B 247 12.16 5.67 -2.89
CA HIS B 247 13.52 5.69 -2.33
C HIS B 247 14.52 5.05 -3.29
N VAL B 248 14.20 3.83 -3.76
CA VAL B 248 15.12 3.11 -4.64
C VAL B 248 15.30 3.84 -5.97
N GLN B 249 14.26 4.53 -6.44
CA GLN B 249 14.42 5.32 -7.65
C GLN B 249 15.39 6.48 -7.45
N LEU B 250 15.23 7.22 -6.35
CA LEU B 250 16.15 8.31 -6.06
C LEU B 250 17.57 7.81 -5.87
N LEU B 251 17.73 6.68 -5.18
CA LEU B 251 19.06 6.19 -4.89
C LEU B 251 19.83 5.80 -6.14
N GLN B 252 19.16 5.12 -7.08
CA GLN B 252 19.83 4.70 -8.30
C GLN B 252 20.19 5.90 -9.17
N VAL B 253 19.35 6.94 -9.15
CA VAL B 253 19.67 8.15 -9.89
C VAL B 253 20.87 8.86 -9.28
N ILE B 254 20.88 8.98 -7.95
CA ILE B 254 21.99 9.65 -7.29
C ILE B 254 23.30 8.90 -7.53
N LYS B 255 23.27 7.57 -7.44
CA LYS B 255 24.48 6.75 -7.58
C LYS B 255 25.15 6.96 -8.93
N LYS B 256 24.36 7.15 -9.99
CA LYS B 256 24.94 7.35 -11.31
C LYS B 256 25.67 8.69 -11.41
N THR B 257 25.25 9.68 -10.63
CA THR B 257 25.83 11.01 -10.74
C THR B 257 26.99 11.22 -9.78
N GLU B 258 26.95 10.57 -8.62
CA GLU B 258 27.89 10.80 -7.53
C GLU B 258 28.87 9.62 -7.48
N THR B 259 30.01 9.76 -8.16
CA THR B 259 31.02 8.71 -8.14
C THR B 259 31.63 8.53 -6.76
N ASP B 260 31.52 9.54 -5.90
CA ASP B 260 32.05 9.49 -4.54
C ASP B 260 31.16 8.71 -3.58
N MET B 261 29.95 8.32 -4.01
CA MET B 261 29.12 7.44 -3.20
C MET B 261 29.54 5.99 -3.36
N SER B 262 29.49 5.26 -2.25
CA SER B 262 29.72 3.82 -2.26
C SER B 262 28.56 3.12 -1.57
N LEU B 263 28.12 2.00 -2.13
CA LEU B 263 27.11 1.17 -1.49
C LEU B 263 27.77 -0.06 -0.92
N HIS B 264 27.45 -0.37 0.32
CA HIS B 264 27.92 -1.58 0.97
C HIS B 264 27.42 -2.78 0.17
N PRO B 265 28.23 -3.81 -0.03
CA PRO B 265 27.77 -4.96 -0.85
C PRO B 265 26.44 -5.54 -0.41
N LEU B 266 26.16 -5.55 0.90
CA LEU B 266 24.89 -6.06 1.39
C LEU B 266 23.73 -5.23 0.83
N LEU B 267 23.83 -3.90 0.90
CA LEU B 267 22.82 -3.05 0.25
C LEU B 267 22.87 -3.16 -1.27
N GLN B 268 24.08 -3.16 -1.83
CA GLN B 268 24.24 -3.31 -3.28
C GLN B 268 23.47 -4.51 -3.80
N GLU B 269 23.57 -5.64 -3.11
CA GLU B 269 22.87 -6.83 -3.58
C GLU B 269 21.35 -6.69 -3.41
N ILE B 270 20.90 -6.08 -2.31
CA ILE B 270 19.46 -5.89 -2.09
C ILE B 270 18.83 -5.04 -3.19
N TYR B 271 19.54 -4.02 -3.67
CA TYR B 271 18.96 -3.12 -4.66
C TYR B 271 18.99 -3.70 -6.07
N LYS B 272 19.74 -4.78 -6.30
CA LYS B 272 19.77 -5.40 -7.61
C LYS B 272 18.45 -6.13 -7.85
N ASP B 273 17.69 -5.70 -8.86
CA ASP B 273 16.37 -6.27 -9.14
C ASP B 273 15.44 -6.09 -7.94
C17 A1IQ8 C . -9.15 -3.23 -20.04
C20 A1IQ8 C . -11.40 -1.98 -18.94
C22 A1IQ8 C . -15.26 -3.16 -20.66
C18 A1IQ8 C . -10.39 -3.88 -19.94
C16 A1IQ8 C . -9.04 -1.92 -19.60
C15 A1IQ8 C . -10.16 -1.31 -19.05
C11 A1IQ8 C . -10.27 3.75 -15.19
C3 A1IQ8 C . -15.25 -1.16 -16.06
C8 A1IQ8 C . -9.75 1.96 -17.25
C12 A1IQ8 C . -10.19 4.20 -16.50
C1 A1IQ8 C . -17.54 -2.16 -16.22
C2 A1IQ8 C . -16.20 -1.84 -16.81
C6 A1IQ8 C . -12.32 -1.05 -18.36
C10 A1IQ8 C . -10.08 2.43 -14.89
C9 A1IQ8 C . -9.83 1.53 -15.92
C13 A1IQ8 C . -9.92 3.31 -17.54
C14 A1IQ8 C . -9.84 3.85 -18.94
C19 A1IQ8 C . -11.51 -3.29 -19.42
C21 A1IQ8 C . -14.65 -2.00 -18.65
C23 A1IQ8 C . -15.08 -3.04 -22.15
C24 A1IQ8 C . -16.07 -2.48 -22.91
C25 A1IQ8 C . -15.95 -2.37 -24.29
C26 A1IQ8 C . -14.81 -2.84 -24.89
C27 A1IQ8 C . -13.80 -3.42 -24.15
C28 A1IQ8 C . -13.95 -3.52 -22.78
C29 A1IQ8 C . -15.89 -2.26 -18.11
C4 A1IQ8 C . -14.01 -0.89 -16.59
C5 A1IQ8 C . -13.70 -1.28 -17.90
C7 A1IQ8 C . -9.45 0.96 -18.31
F1 A1IQ8 C . -10.40 3.04 -19.84
F2 A1IQ8 C . -10.44 5.01 -19.06
F3 A1IQ8 C . -8.59 4.03 -19.35
N1 A1IQ8 C . -11.69 0.06 -18.04
N2 A1IQ8 C . -10.39 -0.06 -18.50
O1 A1IQ8 C . -17.70 -1.98 -14.99
O2 A1IQ8 C . -18.42 -2.66 -16.98
O3 A1IQ8 C . -8.42 0.97 -18.95
O4 A1IQ8 C . -14.33 -2.35 -19.92
CL1 A1IQ8 C . -9.62 -0.15 -15.48
CL2 A1IQ8 C . -10.50 -5.54 -20.51
CL3 A1IQ8 C . -14.65 -2.71 -26.63
C17 A1IQ8 D . 17.67 9.96 5.97
C20 A1IQ8 D . 18.36 7.54 7.16
C22 A1IQ8 D . 20.64 7.81 10.84
C18 A1IQ8 D . 17.73 9.81 7.36
C16 A1IQ8 D . 17.98 8.89 5.16
C15 A1IQ8 D . 18.30 7.68 5.77
C11 A1IQ8 D . 18.14 1.87 3.20
C3 A1IQ8 D . 18.04 3.62 10.05
C8 A1IQ8 D . 18.48 4.57 3.66
C12 A1IQ8 D . 19.28 2.51 2.75
C1 A1IQ8 D . 18.60 3.45 12.47
C2 A1IQ8 D . 18.68 4.16 11.15
C6 A1IQ8 D . 18.74 6.19 7.42
C10 A1IQ8 D . 17.16 2.56 3.88
C9 A1IQ8 D . 17.32 3.92 4.10
C13 A1IQ8 D . 19.47 3.87 2.99
C14 A1IQ8 D . 20.72 4.54 2.48
C19 A1IQ8 D . 18.08 8.64 7.98
C21 A1IQ8 D . 19.41 6.03 9.84
C23 A1IQ8 D . 21.78 8.73 10.52
C24 A1IQ8 D . 21.56 9.92 9.86
C25 A1IQ8 D . 22.61 10.78 9.59
C26 A1IQ8 D . 23.88 10.45 10.02
C27 A1IQ8 D . 24.12 9.28 10.70
C28 A1IQ8 D . 23.06 8.42 10.95
C29 A1IQ8 D . 19.35 5.38 11.06
C4 A1IQ8 D . 18.10 4.28 8.83
C5 A1IQ8 D . 18.81 5.47 8.71
C7 A1IQ8 D . 18.61 6.04 3.93
F1 A1IQ8 D . 20.52 5.15 1.32
F2 A1IQ8 D . 21.23 5.45 3.32
F3 A1IQ8 D . 21.73 3.70 2.28
N1 A1IQ8 D . 18.83 5.52 6.29
N2 A1IQ8 D . 18.61 6.43 5.26
O1 A1IQ8 D . 17.80 2.50 12.57
O2 A1IQ8 D . 19.30 3.92 13.42
O3 A1IQ8 D . 18.63 6.87 3.05
O4 A1IQ8 D . 20.10 7.19 9.67
CL1 A1IQ8 D . 16.09 4.78 4.96
CL2 A1IQ8 D . 17.35 11.18 8.36
CL3 A1IQ8 D . 25.20 11.55 9.70
#